data_7TZ4
#
_entry.id   7TZ4
#
_cell.length_a   177.060
_cell.length_b   44.854
_cell.length_c   66.615
_cell.angle_alpha   90.000
_cell.angle_beta   99.180
_cell.angle_gamma   90.000
#
_symmetry.space_group_name_H-M   'C 1 2 1'
#
loop_
_entity.id
_entity.type
_entity.pdbx_description
1 polymer 'Pyochelin biosynthesis salicyl-AMP ligase PchD'
2 non-polymer "5'-O-[(4-cyano-2-hydroxybenzoyl)sulfamoyl]adenosine"
3 water water
#
_entity_poly.entity_id   1
_entity_poly.type   'polypeptide(L)'
_entity_poly.pdbx_seq_one_letter_code
;MTSSPVTPSAVDDAPDWPAAFVRRYLDAGHWQDQSFAEALATSAARHPRRIALCDDDQRLSYADLLQRCRRLAAGLRQAG
LAHGDTVVLHLPNGIAFVETCFALFQLGVRPVLALPAHRQHEISGFCRFAEAKAYIGAERIDGFDPRPMARELLASGACR
MALIHGEAEAPLQALAPLYQADALEDCAARAEDIACFQLSGGTTGTPKLIPRRHREYLYNVRASAEVCGFDEHTVYLTGL
PMAHNFTLCCPGVIGTLLASGRVVVSQRADPEHCFALIARERVTHTALVPPLAMLWLDAQESRRADLSSLRLLQVGGSRL
GSSAAQRVEPVLGCQLQQVLGMAEGLICYTRLDDPPERVLHTQGRPLSPDDEVRVVDAEGREVGPGEVGELTVRGPYTIR
GYYRLPEHNAKAFSADGFYRTGDRVSRDKDGYLVVEGRDKDQINRGGEKIAAEEVENLLIAHPQVHDATVVAMPDSLLGE
RTCAFVIPRQPAPSALKLKQYLHACGLAAFKVPDRIELVPAFPQTGIGKISKKDLRERLRRELEARA
;
_entity_poly.pdbx_strand_id   A
#
loop_
_chem_comp.id
_chem_comp.type
_chem_comp.name
_chem_comp.formula
KUX non-polymer 5'-O-[(4-cyano-2-hydroxybenzoyl)sulfamoyl]adenosine 'C18 H17 N7 O8 S'
#
# COMPACT_ATOMS: atom_id res chain seq x y z
N ASP A 13 -2.56 19.99 -15.26
CA ASP A 13 -3.14 19.58 -13.97
C ASP A 13 -2.73 18.15 -13.65
N ALA A 14 -3.01 17.23 -14.56
CA ALA A 14 -2.65 15.83 -14.38
C ALA A 14 -1.97 15.40 -15.66
N PRO A 15 -0.63 15.50 -15.71
CA PRO A 15 0.08 15.19 -16.95
C PRO A 15 -0.26 13.80 -17.44
N ASP A 16 -0.51 13.69 -18.72
CA ASP A 16 -1.00 12.45 -19.30
C ASP A 16 0.15 11.70 -19.97
N TRP A 17 -0.13 10.47 -20.39
CA TRP A 17 0.82 9.79 -21.24
C TRP A 17 0.85 10.47 -22.62
N PRO A 18 2.02 10.63 -23.22
CA PRO A 18 2.07 11.07 -24.63
C PRO A 18 1.34 10.13 -25.55
N ALA A 19 0.92 10.67 -26.71
CA ALA A 19 0.06 9.95 -27.64
C ALA A 19 0.63 8.59 -28.07
N ALA A 20 1.95 8.51 -28.31
CA ALA A 20 2.54 7.26 -28.75
C ALA A 20 2.34 6.16 -27.71
N PHE A 21 2.42 6.52 -26.43
CA PHE A 21 2.24 5.55 -25.36
C PHE A 21 0.78 5.11 -25.27
N VAL A 22 -0.15 6.06 -25.34
CA VAL A 22 -1.56 5.73 -25.30
C VAL A 22 -1.88 4.72 -26.40
N ARG A 23 -1.37 4.98 -27.61
CA ARG A 23 -1.65 4.08 -28.73
C ARG A 23 -1.09 2.69 -28.49
N ARG A 24 0.13 2.62 -27.95
CA ARG A 24 0.77 1.33 -27.71
C ARG A 24 0.01 0.54 -26.65
N TYR A 25 -0.41 1.22 -25.59
CA TYR A 25 -1.05 0.54 -24.48
C TYR A 25 -2.46 0.09 -24.85
N LEU A 26 -3.13 0.85 -25.73
CA LEU A 26 -4.38 0.37 -26.31
C LEU A 26 -4.14 -0.79 -27.26
N ASP A 27 -3.17 -0.65 -28.19
CA ASP A 27 -2.85 -1.71 -29.14
C ASP A 27 -2.47 -3.01 -28.44
N ALA A 28 -1.71 -2.92 -27.35
CA ALA A 28 -1.26 -4.10 -26.63
C ALA A 28 -2.37 -4.77 -25.84
N GLY A 29 -3.51 -4.11 -25.65
CA GLY A 29 -4.62 -4.63 -24.89
C GLY A 29 -4.55 -4.36 -23.40
N HIS A 30 -3.57 -3.58 -22.93
CA HIS A 30 -3.48 -3.26 -21.52
C HIS A 30 -4.65 -2.40 -21.09
N TRP A 31 -4.93 -1.35 -21.85
CA TRP A 31 -5.95 -0.38 -21.53
C TRP A 31 -7.23 -0.73 -22.27
N GLN A 32 -8.26 -1.08 -21.50
CA GLN A 32 -9.57 -1.39 -22.02
C GLN A 32 -10.49 -0.18 -21.82
N ASP A 33 -11.76 -0.35 -22.18
CA ASP A 33 -12.67 0.79 -22.32
C ASP A 33 -13.73 0.84 -21.22
N GLN A 34 -13.45 0.26 -20.05
CA GLN A 34 -14.37 0.24 -18.92
C GLN A 34 -13.89 1.14 -17.79
N SER A 35 -14.84 1.80 -17.11
CA SER A 35 -14.56 2.47 -15.84
C SER A 35 -14.75 1.48 -14.69
N PHE A 36 -14.31 1.87 -13.49
CA PHE A 36 -14.37 0.98 -12.33
C PHE A 36 -15.81 0.52 -12.05
N ALA A 37 -16.78 1.43 -12.12
CA ALA A 37 -18.16 1.06 -11.83
C ALA A 37 -18.68 0.04 -12.83
N GLU A 38 -18.35 0.22 -14.11
CA GLU A 38 -18.78 -0.75 -15.13
C GLU A 38 -18.13 -2.10 -14.89
N ALA A 39 -16.86 -2.10 -14.51
CA ALA A 39 -16.18 -3.36 -14.24
C ALA A 39 -16.83 -4.12 -13.10
N LEU A 40 -17.18 -3.40 -12.01
CA LEU A 40 -17.86 -4.06 -10.90
C LEU A 40 -19.22 -4.58 -11.34
N ALA A 41 -19.96 -3.79 -12.13
CA ALA A 41 -21.28 -4.23 -12.58
C ALA A 41 -21.18 -5.50 -13.41
N THR A 42 -20.14 -5.59 -14.25
CA THR A 42 -19.93 -6.79 -15.06
C THR A 42 -19.63 -8.00 -14.19
N SER A 43 -18.73 -7.83 -13.22
CA SER A 43 -18.45 -8.93 -12.29
C SER A 43 -19.70 -9.35 -11.53
N ALA A 44 -20.45 -8.38 -11.02
CA ALA A 44 -21.64 -8.70 -10.24
C ALA A 44 -22.62 -9.51 -11.07
N ALA A 45 -22.71 -9.21 -12.38
CA ALA A 45 -23.66 -9.93 -13.22
C ALA A 45 -23.27 -11.40 -13.40
N ARG A 46 -21.99 -11.72 -13.31
CA ARG A 46 -21.57 -13.11 -13.42
C ARG A 46 -21.99 -13.95 -12.21
N HIS A 47 -22.05 -13.34 -10.99
CA HIS A 47 -22.29 -14.10 -9.78
C HIS A 47 -23.12 -13.27 -8.80
N PRO A 48 -24.35 -12.94 -9.17
CA PRO A 48 -25.10 -11.92 -8.43
C PRO A 48 -25.42 -12.29 -6.99
N ARG A 49 -25.63 -13.56 -6.68
CA ARG A 49 -26.05 -13.92 -5.34
C ARG A 49 -24.89 -14.28 -4.42
N ARG A 50 -23.70 -14.48 -4.97
CA ARG A 50 -22.52 -14.85 -4.20
CA ARG A 50 -22.54 -14.85 -4.17
C ARG A 50 -22.10 -13.69 -3.30
N ILE A 51 -21.63 -14.02 -2.08
CA ILE A 51 -21.20 -12.99 -1.14
C ILE A 51 -19.91 -12.36 -1.65
N ALA A 52 -19.94 -11.04 -1.77
CA ALA A 52 -18.81 -10.25 -2.24
C ALA A 52 -17.99 -9.69 -1.12
N LEU A 53 -18.63 -9.38 -0.01
CA LEU A 53 -18.05 -8.53 1.02
C LEU A 53 -18.67 -8.89 2.36
N CYS A 54 -17.84 -9.12 3.37
CA CYS A 54 -18.39 -9.43 4.67
C CYS A 54 -17.55 -8.83 5.79
N ASP A 55 -18.26 -8.49 6.86
CA ASP A 55 -17.64 -8.02 8.11
C ASP A 55 -18.23 -8.91 9.21
N ASP A 56 -18.09 -8.50 10.46
CA ASP A 56 -18.45 -9.41 11.56
C ASP A 56 -19.94 -9.75 11.57
N ASP A 57 -20.76 -8.91 11.00
CA ASP A 57 -22.20 -9.13 11.08
C ASP A 57 -22.86 -9.13 9.72
N GLN A 58 -22.35 -8.35 8.80
CA GLN A 58 -23.00 -8.05 7.54
C GLN A 58 -22.31 -8.84 6.45
N ARG A 59 -23.10 -9.44 5.58
CA ARG A 59 -22.59 -10.14 4.40
C ARG A 59 -23.41 -9.68 3.22
N LEU A 60 -22.75 -9.15 2.19
CA LEU A 60 -23.41 -8.58 1.03
C LEU A 60 -23.11 -9.39 -0.21
N SER A 61 -24.17 -9.81 -0.90
CA SER A 61 -24.02 -10.40 -2.22
C SER A 61 -23.54 -9.35 -3.23
N TYR A 62 -23.05 -9.83 -4.37
CA TYR A 62 -22.65 -8.93 -5.45
C TYR A 62 -23.81 -8.04 -5.88
N ALA A 63 -25.00 -8.63 -6.00
CA ALA A 63 -26.14 -7.85 -6.45
C ALA A 63 -26.54 -6.78 -5.44
N ASP A 64 -26.52 -7.13 -4.15
CA ASP A 64 -26.88 -6.17 -3.12
C ASP A 64 -25.83 -5.08 -2.99
N LEU A 65 -24.56 -5.46 -3.11
CA LEU A 65 -23.50 -4.46 -3.14
C LEU A 65 -23.71 -3.49 -4.29
N LEU A 66 -23.94 -4.01 -5.49
CA LEU A 66 -24.13 -3.12 -6.64
C LEU A 66 -25.33 -2.20 -6.43
N GLN A 67 -26.44 -2.75 -5.93
CA GLN A 67 -27.61 -1.93 -5.71
C GLN A 67 -27.35 -0.88 -4.64
N ARG A 68 -26.66 -1.25 -3.55
CA ARG A 68 -26.33 -0.29 -2.52
C ARG A 68 -25.44 0.83 -3.07
N CYS A 69 -24.47 0.47 -3.93
CA CYS A 69 -23.62 1.49 -4.55
C CYS A 69 -24.42 2.45 -5.42
N ARG A 70 -25.39 1.92 -6.17
CA ARG A 70 -26.19 2.73 -7.09
C ARG A 70 -27.13 3.65 -6.33
N ARG A 71 -27.66 3.16 -5.21
CA ARG A 71 -28.51 4.01 -4.37
C ARG A 71 -27.69 5.11 -3.72
N LEU A 72 -26.53 4.76 -3.20
CA LEU A 72 -25.67 5.77 -2.58
C LEU A 72 -25.22 6.80 -3.61
N ALA A 73 -24.96 6.36 -4.83
CA ALA A 73 -24.58 7.29 -5.88
C ALA A 73 -25.69 8.29 -6.12
N ALA A 74 -26.93 7.81 -6.14
CA ALA A 74 -28.06 8.72 -6.30
C ALA A 74 -28.13 9.71 -5.14
N GLY A 75 -27.92 9.22 -3.92
CA GLY A 75 -28.00 10.10 -2.77
C GLY A 75 -26.89 11.13 -2.77
N LEU A 76 -25.68 10.72 -3.14
CA LEU A 76 -24.58 11.67 -3.22
C LEU A 76 -24.82 12.73 -4.29
N ARG A 77 -25.36 12.32 -5.43
CA ARG A 77 -25.73 13.29 -6.46
C ARG A 77 -26.76 14.28 -5.92
N GLN A 78 -27.74 13.77 -5.19
CA GLN A 78 -28.75 14.66 -4.60
C GLN A 78 -28.12 15.64 -3.61
N ALA A 79 -27.10 15.18 -2.87
CA ALA A 79 -26.40 16.01 -1.90
C ALA A 79 -25.47 17.02 -2.55
N GLY A 80 -25.29 16.93 -3.86
CA GLY A 80 -24.60 17.96 -4.63
C GLY A 80 -23.30 17.53 -5.26
N LEU A 81 -22.92 16.25 -5.17
CA LEU A 81 -21.67 15.81 -5.79
C LEU A 81 -21.86 15.57 -7.27
N ALA A 82 -21.05 16.24 -8.08
CA ALA A 82 -21.19 16.26 -9.52
C ALA A 82 -19.96 15.66 -10.19
N HIS A 83 -20.17 15.16 -11.40
CA HIS A 83 -19.08 14.68 -12.22
C HIS A 83 -17.94 15.69 -12.23
N GLY A 84 -16.76 15.21 -11.90
CA GLY A 84 -15.57 16.03 -11.89
C GLY A 84 -15.22 16.61 -10.54
N ASP A 85 -16.16 16.57 -9.58
CA ASP A 85 -15.86 16.98 -8.21
C ASP A 85 -14.83 16.01 -7.59
N THR A 86 -14.25 16.44 -6.48
CA THR A 86 -13.34 15.62 -5.69
C THR A 86 -13.84 15.61 -4.25
N VAL A 87 -13.62 14.49 -3.56
CA VAL A 87 -13.92 14.38 -2.13
C VAL A 87 -12.70 13.76 -1.46
N VAL A 88 -12.58 14.01 -0.17
CA VAL A 88 -11.58 13.33 0.64
C VAL A 88 -12.28 12.20 1.35
N LEU A 89 -11.87 10.96 1.04
CA LEU A 89 -12.48 9.76 1.59
C LEU A 89 -11.59 9.25 2.70
N HIS A 90 -12.09 9.28 3.95
CA HIS A 90 -11.29 8.99 5.13
C HIS A 90 -12.09 8.02 6.00
N LEU A 91 -12.12 6.75 5.59
CA LEU A 91 -12.94 5.79 6.30
C LEU A 91 -12.06 4.66 6.81
N PRO A 92 -12.44 4.05 7.94
CA PRO A 92 -11.79 2.81 8.35
C PRO A 92 -12.16 1.69 7.38
N ASN A 93 -11.40 0.60 7.46
CA ASN A 93 -11.74 -0.56 6.66
C ASN A 93 -13.16 -0.99 6.97
N GLY A 94 -13.93 -1.28 5.94
CA GLY A 94 -15.30 -1.67 6.14
C GLY A 94 -16.07 -1.68 4.84
N ILE A 95 -17.33 -2.10 4.98
CA ILE A 95 -18.24 -2.14 3.85
C ILE A 95 -18.49 -0.74 3.30
N ALA A 96 -18.65 0.25 4.18
CA ALA A 96 -18.95 1.61 3.71
C ALA A 96 -17.83 2.15 2.83
N PHE A 97 -16.59 1.78 3.11
CA PHE A 97 -15.49 2.22 2.26
C PHE A 97 -15.71 1.76 0.82
N VAL A 98 -16.03 0.48 0.65
CA VAL A 98 -16.19 -0.08 -0.70
C VAL A 98 -17.37 0.56 -1.41
N GLU A 99 -18.51 0.63 -0.71
CA GLU A 99 -19.72 1.22 -1.28
C GLU A 99 -19.49 2.66 -1.67
N THR A 100 -18.82 3.43 -0.81
CA THR A 100 -18.64 4.83 -1.12
C THR A 100 -17.68 5.01 -2.29
N CYS A 101 -16.59 4.25 -2.31
CA CYS A 101 -15.66 4.30 -3.45
CA CYS A 101 -15.66 4.31 -3.44
C CYS A 101 -16.38 4.08 -4.77
N PHE A 102 -17.15 2.99 -4.87
CA PHE A 102 -17.76 2.64 -6.15
C PHE A 102 -18.93 3.55 -6.51
N ALA A 103 -19.61 4.11 -5.52
CA ALA A 103 -20.62 5.13 -5.77
C ALA A 103 -19.98 6.38 -6.36
N LEU A 104 -18.84 6.79 -5.83
CA LEU A 104 -18.13 7.94 -6.37
C LEU A 104 -17.62 7.65 -7.78
N PHE A 105 -17.02 6.47 -7.99
CA PHE A 105 -16.62 6.04 -9.32
C PHE A 105 -17.77 6.16 -10.31
N GLN A 106 -18.96 5.68 -9.92
CA GLN A 106 -20.13 5.74 -10.80
C GLN A 106 -20.46 7.18 -11.19
N LEU A 107 -20.33 8.10 -10.24
CA LEU A 107 -20.65 9.50 -10.48
C LEU A 107 -19.54 10.25 -11.20
N GLY A 108 -18.37 9.67 -11.35
CA GLY A 108 -17.24 10.41 -11.86
C GLY A 108 -16.70 11.42 -10.87
N VAL A 109 -16.91 11.19 -9.58
CA VAL A 109 -16.38 12.01 -8.49
C VAL A 109 -15.12 11.33 -8.01
N ARG A 110 -14.03 12.08 -7.84
CA ARG A 110 -12.75 11.46 -7.56
C ARG A 110 -12.47 11.46 -6.06
N PRO A 111 -12.28 10.31 -5.41
CA PRO A 111 -11.88 10.34 -4.00
C PRO A 111 -10.37 10.44 -3.85
N VAL A 112 -9.94 11.31 -2.94
CA VAL A 112 -8.62 11.21 -2.35
C VAL A 112 -8.66 10.13 -1.29
N LEU A 113 -7.76 9.15 -1.41
CA LEU A 113 -7.82 7.95 -0.59
C LEU A 113 -6.94 8.11 0.64
N ALA A 114 -7.44 8.87 1.61
CA ALA A 114 -6.72 9.11 2.85
C ALA A 114 -6.62 7.87 3.71
N LEU A 115 -5.51 7.75 4.41
CA LEU A 115 -5.31 6.62 5.31
C LEU A 115 -5.99 6.84 6.65
N PRO A 116 -6.37 5.76 7.31
CA PRO A 116 -6.93 5.90 8.66
C PRO A 116 -6.02 6.68 9.60
N ALA A 117 -4.71 6.52 9.47
CA ALA A 117 -3.77 7.18 10.36
C ALA A 117 -3.63 8.66 10.06
N HIS A 118 -4.18 9.15 8.96
CA HIS A 118 -4.01 10.57 8.65
C HIS A 118 -4.89 11.42 9.57
N ARG A 119 -4.38 12.61 9.89
CA ARG A 119 -5.01 13.51 10.86
C ARG A 119 -5.20 14.90 10.25
N GLN A 120 -5.48 15.92 11.09
CA GLN A 120 -5.93 17.20 10.54
C GLN A 120 -4.92 17.79 9.57
N HIS A 121 -3.63 17.69 9.85
CA HIS A 121 -2.64 18.34 8.98
C HIS A 121 -2.77 17.81 7.57
N GLU A 122 -2.84 16.48 7.43
CA GLU A 122 -2.97 15.85 6.12
C GLU A 122 -4.34 16.07 5.52
N ILE A 123 -5.41 15.84 6.30
CA ILE A 123 -6.77 15.90 5.76
C ILE A 123 -7.10 17.29 5.28
N SER A 124 -6.73 18.31 6.06
CA SER A 124 -6.94 19.70 5.63
C SER A 124 -6.16 20.00 4.35
N GLY A 125 -4.91 19.56 4.29
CA GLY A 125 -4.13 19.73 3.08
C GLY A 125 -4.80 19.11 1.87
N PHE A 126 -5.26 17.87 2.01
CA PHE A 126 -5.91 17.20 0.89
C PHE A 126 -7.18 17.94 0.44
N CYS A 127 -8.02 18.34 1.41
CA CYS A 127 -9.24 19.04 1.05
C CYS A 127 -8.93 20.29 0.27
N ARG A 128 -7.95 21.04 0.75
CA ARG A 128 -7.63 22.33 0.15
C ARG A 128 -6.92 22.15 -1.19
N PHE A 129 -5.95 21.24 -1.25
CA PHE A 129 -5.22 21.03 -2.50
C PHE A 129 -6.14 20.58 -3.62
N ALA A 130 -7.06 19.66 -3.31
CA ALA A 130 -7.99 19.10 -4.29
C ALA A 130 -9.25 19.95 -4.50
N GLU A 131 -9.46 21.01 -3.72
CA GLU A 131 -10.71 21.77 -3.72
C GLU A 131 -11.90 20.83 -3.54
N ALA A 132 -11.78 19.99 -2.53
CA ALA A 132 -12.78 18.95 -2.28
C ALA A 132 -14.14 19.53 -1.94
N LYS A 133 -15.17 18.99 -2.57
CA LYS A 133 -16.52 19.42 -2.17
C LYS A 133 -16.94 18.81 -0.86
N ALA A 134 -16.44 17.61 -0.52
CA ALA A 134 -16.85 16.95 0.70
C ALA A 134 -15.68 16.20 1.33
N TYR A 135 -15.73 16.15 2.66
CA TYR A 135 -15.02 15.17 3.46
C TYR A 135 -16.02 14.06 3.80
N ILE A 136 -15.62 12.82 3.63
CA ILE A 136 -16.46 11.68 3.97
C ILE A 136 -15.71 10.85 4.99
N GLY A 137 -16.25 10.76 6.19
CA GLY A 137 -15.58 10.06 7.25
C GLY A 137 -16.53 9.29 8.13
N ALA A 138 -16.03 8.87 9.30
CA ALA A 138 -16.78 8.03 10.23
C ALA A 138 -16.77 8.61 11.62
N GLU A 139 -17.65 8.08 12.47
CA GLU A 139 -17.74 8.55 13.85
C GLU A 139 -16.46 8.29 14.61
N ARG A 140 -15.70 7.28 14.20
CA ARG A 140 -14.39 7.00 14.77
C ARG A 140 -13.53 6.30 13.71
N ILE A 141 -12.23 6.57 13.72
CA ILE A 141 -11.31 5.98 12.75
C ILE A 141 -9.95 5.84 13.40
N ASP A 142 -9.38 4.64 13.36
CA ASP A 142 -8.02 4.41 13.87
C ASP A 142 -7.85 5.00 15.28
N GLY A 143 -8.86 4.80 16.12
CA GLY A 143 -8.80 5.28 17.49
C GLY A 143 -8.93 6.77 17.66
N PHE A 144 -9.33 7.48 16.61
CA PHE A 144 -9.41 8.93 16.58
C PHE A 144 -10.85 9.35 16.28
N ASP A 145 -11.31 10.40 16.99
CA ASP A 145 -12.62 10.99 16.73
C ASP A 145 -12.41 12.14 15.75
N PRO A 146 -12.75 11.96 14.48
CA PRO A 146 -12.51 12.99 13.46
C PRO A 146 -13.57 14.08 13.42
N ARG A 147 -14.56 14.05 14.30
CA ARG A 147 -15.69 14.93 14.09
C ARG A 147 -15.34 16.38 14.43
N PRO A 148 -14.56 16.64 15.48
CA PRO A 148 -14.10 18.02 15.70
C PRO A 148 -13.29 18.55 14.52
N MET A 149 -12.38 17.73 14.00
CA MET A 149 -11.64 18.07 12.78
C MET A 149 -12.60 18.41 11.64
N ALA A 150 -13.59 17.56 11.40
CA ALA A 150 -14.51 17.79 10.29
C ALA A 150 -15.27 19.11 10.45
N ARG A 151 -15.66 19.44 11.68
CA ARG A 151 -16.34 20.73 11.89
C ARG A 151 -15.41 21.88 11.59
N GLU A 152 -14.12 21.73 11.90
CA GLU A 152 -13.17 22.80 11.60
C GLU A 152 -12.89 22.88 10.11
N LEU A 153 -12.92 21.74 9.41
CA LEU A 153 -12.84 21.78 7.95
C LEU A 153 -13.96 22.64 7.38
N LEU A 154 -15.17 22.50 7.93
CA LEU A 154 -16.29 23.27 7.41
C LEU A 154 -16.16 24.74 7.81
N ALA A 155 -15.78 25.00 9.06
CA ALA A 155 -15.75 26.37 9.56
C ALA A 155 -14.65 27.16 8.86
N SER A 156 -13.56 26.52 8.49
CA SER A 156 -12.47 27.19 7.81
C SER A 156 -12.62 27.22 6.28
N GLY A 157 -13.66 26.58 5.73
CA GLY A 157 -13.85 26.54 4.30
C GLY A 157 -12.93 25.58 3.56
N ALA A 158 -12.37 24.58 4.25
CA ALA A 158 -11.58 23.58 3.56
C ALA A 158 -12.43 22.70 2.65
N CYS A 159 -13.68 22.42 3.03
CA CYS A 159 -14.62 21.74 2.15
C CYS A 159 -16.01 22.30 2.41
N ARG A 160 -16.94 21.95 1.55
CA ARG A 160 -18.29 22.52 1.63
C ARG A 160 -19.24 21.68 2.46
N MET A 161 -19.01 20.38 2.53
CA MET A 161 -19.85 19.52 3.35
C MET A 161 -18.99 18.43 3.95
N ALA A 162 -19.52 17.83 5.02
CA ALA A 162 -18.82 16.76 5.73
C ALA A 162 -19.85 15.70 6.03
N LEU A 163 -19.70 14.53 5.42
CA LEU A 163 -20.60 13.40 5.58
C LEU A 163 -19.95 12.41 6.52
N ILE A 164 -20.70 11.96 7.53
CA ILE A 164 -20.17 11.05 8.54
C ILE A 164 -21.00 9.78 8.55
N HIS A 165 -20.33 8.65 8.44
CA HIS A 165 -20.96 7.35 8.66
C HIS A 165 -20.98 7.10 10.16
N GLY A 166 -22.18 7.10 10.76
CA GLY A 166 -22.32 6.99 12.20
C GLY A 166 -22.94 8.23 12.79
N GLU A 167 -22.84 8.35 14.09
CA GLU A 167 -23.46 9.44 14.81
C GLU A 167 -22.62 10.72 14.69
N ALA A 168 -23.32 11.83 14.48
CA ALA A 168 -22.66 13.14 14.41
C ALA A 168 -23.68 14.23 14.66
N GLU A 169 -23.16 15.41 14.97
CA GLU A 169 -23.97 16.58 15.23
C GLU A 169 -23.76 17.60 14.11
N ALA A 170 -24.81 18.36 13.81
CA ALA A 170 -24.71 19.54 12.97
C ALA A 170 -23.48 20.34 13.36
N PRO A 171 -22.80 20.93 12.38
CA PRO A 171 -23.13 21.03 10.96
C PRO A 171 -22.65 19.84 10.11
N LEU A 172 -22.19 18.77 10.73
CA LEU A 172 -21.86 17.56 10.00
C LEU A 172 -23.15 16.89 9.53
N GLN A 173 -23.05 16.14 8.43
CA GLN A 173 -24.21 15.49 7.82
C GLN A 173 -24.06 13.98 7.90
N ALA A 174 -25.21 13.31 7.84
CA ALA A 174 -25.25 11.85 7.97
C ALA A 174 -25.13 11.20 6.60
N LEU A 175 -24.25 10.19 6.50
CA LEU A 175 -24.06 9.47 5.24
C LEU A 175 -25.12 8.38 5.05
N ALA A 176 -25.47 7.67 6.11
CA ALA A 176 -26.37 6.52 5.98
C ALA A 176 -27.69 6.84 5.29
N PRO A 177 -28.36 7.97 5.56
CA PRO A 177 -29.64 8.22 4.88
C PRO A 177 -29.55 8.33 3.38
N LEU A 178 -28.37 8.65 2.82
CA LEU A 178 -28.27 8.78 1.37
C LEU A 178 -28.45 7.46 0.64
N TYR A 179 -28.33 6.33 1.34
CA TYR A 179 -28.58 5.01 0.75
C TYR A 179 -30.06 4.77 0.43
N GLN A 180 -30.95 5.66 0.86
CA GLN A 180 -32.37 5.43 0.64
C GLN A 180 -32.84 5.94 -0.71
N ALA A 181 -31.96 6.60 -1.47
CA ALA A 181 -32.34 7.10 -2.78
C ALA A 181 -32.62 5.96 -3.75
N ASP A 182 -33.39 6.27 -4.80
CA ASP A 182 -33.61 5.34 -5.89
C ASP A 182 -32.32 5.06 -6.63
N ALA A 183 -32.12 3.80 -6.99
CA ALA A 183 -30.85 3.40 -7.58
C ALA A 183 -30.59 4.16 -8.88
N LEU A 184 -29.41 4.77 -8.95
CA LEU A 184 -28.94 5.39 -10.18
C LEU A 184 -28.35 4.31 -11.10
N GLU A 185 -28.82 4.25 -12.33
CA GLU A 185 -28.39 3.19 -13.22
C GLU A 185 -27.31 3.63 -14.21
N ASP A 186 -27.14 4.92 -14.41
CA ASP A 186 -26.19 5.44 -15.38
C ASP A 186 -24.82 5.65 -14.73
N CYS A 187 -23.79 5.57 -15.56
CA CYS A 187 -22.42 5.83 -15.12
C CYS A 187 -21.86 6.99 -15.95
N ALA A 188 -21.34 8.00 -15.24
CA ALA A 188 -20.86 9.24 -15.84
C ALA A 188 -19.37 9.23 -16.16
N ALA A 189 -18.64 8.21 -15.76
CA ALA A 189 -17.18 8.21 -15.88
C ALA A 189 -16.73 7.59 -17.19
N ARG A 190 -15.69 8.17 -17.79
CA ARG A 190 -15.03 7.63 -18.96
C ARG A 190 -13.77 6.86 -18.55
N ALA A 191 -13.43 5.82 -19.33
CA ALA A 191 -12.26 5.00 -18.99
C ALA A 191 -10.97 5.82 -18.93
N GLU A 192 -10.88 6.89 -19.71
CA GLU A 192 -9.67 7.68 -19.70
C GLU A 192 -9.62 8.71 -18.57
N ASP A 193 -10.71 8.89 -17.83
CA ASP A 193 -10.81 9.87 -16.75
C ASP A 193 -9.96 9.47 -15.54
N ILE A 194 -9.50 10.48 -14.80
CA ILE A 194 -9.02 10.25 -13.44
C ILE A 194 -10.15 9.61 -12.64
N ALA A 195 -9.83 8.49 -11.99
CA ALA A 195 -10.80 7.79 -11.15
C ALA A 195 -10.66 8.17 -9.68
N CYS A 196 -9.44 8.34 -9.22
CA CYS A 196 -9.19 8.63 -7.81
C CYS A 196 -7.82 9.25 -7.69
N PHE A 197 -7.55 9.81 -6.52
CA PHE A 197 -6.21 10.27 -6.19
C PHE A 197 -5.64 9.33 -5.13
N GLN A 198 -4.66 8.53 -5.54
CA GLN A 198 -3.85 7.83 -4.55
C GLN A 198 -2.95 8.85 -3.87
N LEU A 199 -2.20 8.39 -2.87
CA LEU A 199 -1.34 9.25 -2.08
C LEU A 199 0.07 8.72 -2.07
N SER A 200 1.05 9.62 -2.21
CA SER A 200 2.42 9.19 -2.15
C SER A 200 2.76 8.68 -0.76
N GLY A 201 3.78 7.85 -0.70
CA GLY A 201 4.15 7.19 0.52
C GLY A 201 5.64 7.36 0.68
N GLY A 202 6.07 8.62 0.59
CA GLY A 202 7.44 8.98 0.83
C GLY A 202 7.63 9.34 2.29
N THR A 203 8.81 9.87 2.59
CA THR A 203 9.19 10.11 3.98
C THR A 203 9.12 11.59 4.34
N THR A 204 8.74 12.45 3.39
CA THR A 204 8.53 13.87 3.68
C THR A 204 7.14 14.19 3.14
N GLY A 205 6.13 14.06 4.03
CA GLY A 205 4.75 14.44 3.73
C GLY A 205 4.71 15.94 3.68
N THR A 206 3.54 16.55 3.45
CA THR A 206 2.22 15.96 3.26
C THR A 206 2.18 15.13 2.01
N PRO A 207 1.50 13.98 2.03
CA PRO A 207 1.49 13.15 0.82
C PRO A 207 0.96 13.91 -0.38
N LYS A 208 1.54 13.58 -1.53
CA LYS A 208 1.17 14.16 -2.80
C LYS A 208 0.02 13.36 -3.42
N LEU A 209 -0.81 14.05 -4.20
CA LEU A 209 -1.94 13.41 -4.87
C LEU A 209 -1.52 12.79 -6.20
N ILE A 210 -1.84 11.52 -6.35
CA ILE A 210 -1.44 10.70 -7.48
C ILE A 210 -2.69 10.43 -8.31
N PRO A 211 -2.82 11.03 -9.49
CA PRO A 211 -4.01 10.76 -10.29
C PRO A 211 -3.90 9.39 -10.93
N ARG A 212 -4.84 8.53 -10.61
CA ARG A 212 -4.94 7.21 -11.26
C ARG A 212 -6.17 7.23 -12.13
N ARG A 213 -6.02 6.80 -13.38
CA ARG A 213 -7.13 6.80 -14.33
CA ARG A 213 -7.12 6.80 -14.33
C ARG A 213 -7.76 5.41 -14.39
N HIS A 214 -9.05 5.36 -14.70
CA HIS A 214 -9.77 4.08 -14.72
C HIS A 214 -9.02 3.01 -15.52
N ARG A 215 -8.69 3.29 -16.77
CA ARG A 215 -8.24 2.22 -17.64
C ARG A 215 -6.88 1.69 -17.21
N GLU A 216 -5.99 2.54 -16.73
CA GLU A 216 -4.65 2.09 -16.34
C GLU A 216 -4.66 1.44 -14.98
N TYR A 217 -5.47 1.98 -14.06
CA TYR A 217 -5.56 1.36 -12.75
C TYR A 217 -6.25 0.01 -12.85
N LEU A 218 -7.28 -0.13 -13.71
CA LEU A 218 -7.89 -1.44 -13.93
C LEU A 218 -6.91 -2.41 -14.57
N TYR A 219 -6.00 -1.94 -15.45
CA TYR A 219 -4.97 -2.83 -15.97
C TYR A 219 -4.09 -3.34 -14.83
N ASN A 220 -3.70 -2.44 -13.92
CA ASN A 220 -2.96 -2.78 -12.72
C ASN A 220 -3.66 -3.89 -11.96
N VAL A 221 -4.98 -3.74 -11.77
CA VAL A 221 -5.76 -4.75 -11.05
C VAL A 221 -5.77 -6.07 -11.79
N ARG A 222 -6.12 -6.03 -13.08
CA ARG A 222 -6.33 -7.27 -13.83
C ARG A 222 -5.03 -8.05 -13.96
N ALA A 223 -3.96 -7.35 -14.29
CA ALA A 223 -2.67 -8.00 -14.45
C ALA A 223 -2.18 -8.56 -13.11
N SER A 224 -2.34 -7.80 -12.03
CA SER A 224 -1.97 -8.31 -10.71
CA SER A 224 -1.94 -8.32 -10.72
C SER A 224 -2.78 -9.54 -10.35
N ALA A 225 -4.09 -9.51 -10.61
CA ALA A 225 -4.94 -10.65 -10.28
C ALA A 225 -4.47 -11.91 -11.00
N GLU A 226 -4.05 -11.78 -12.26
CA GLU A 226 -3.57 -12.93 -13.02
C GLU A 226 -2.27 -13.47 -12.42
N VAL A 227 -1.33 -12.57 -12.13
CA VAL A 227 -0.04 -12.98 -11.56
C VAL A 227 -0.23 -13.65 -10.20
N CYS A 228 -1.19 -13.18 -9.38
CA CYS A 228 -1.36 -13.69 -8.04
C CYS A 228 -2.34 -14.86 -7.96
N GLY A 229 -2.89 -15.30 -9.09
CA GLY A 229 -3.77 -16.46 -9.09
C GLY A 229 -5.14 -16.24 -8.50
N PHE A 230 -5.63 -14.98 -8.46
CA PHE A 230 -6.98 -14.74 -7.95
C PHE A 230 -8.01 -15.40 -8.85
N ASP A 231 -9.04 -15.96 -8.21
CA ASP A 231 -10.13 -16.57 -8.95
C ASP A 231 -11.40 -16.53 -8.09
N GLU A 232 -12.41 -17.30 -8.51
CA GLU A 232 -13.71 -17.22 -7.89
C GLU A 232 -13.70 -17.68 -6.45
N HIS A 233 -12.69 -18.46 -6.06
CA HIS A 233 -12.60 -19.02 -4.73
C HIS A 233 -11.63 -18.24 -3.83
N THR A 234 -11.12 -17.10 -4.30
CA THR A 234 -10.25 -16.26 -3.49
C THR A 234 -11.08 -15.58 -2.39
N VAL A 235 -10.62 -15.74 -1.15
CA VAL A 235 -11.19 -15.09 0.03
C VAL A 235 -10.08 -14.19 0.59
N TYR A 236 -10.23 -12.89 0.38
CA TYR A 236 -9.14 -11.92 0.62
C TYR A 236 -9.39 -11.18 1.92
N LEU A 237 -8.42 -11.25 2.84
CA LEU A 237 -8.50 -10.52 4.09
C LEU A 237 -7.77 -9.19 3.93
N THR A 238 -8.41 -8.09 4.35
CA THR A 238 -7.74 -6.78 4.35
C THR A 238 -6.83 -6.68 5.57
N GLY A 239 -5.55 -6.95 5.40
CA GLY A 239 -4.59 -6.89 6.49
C GLY A 239 -3.92 -5.53 6.62
N LEU A 240 -4.15 -4.67 5.64
CA LEU A 240 -3.67 -3.29 5.58
C LEU A 240 -4.86 -2.37 5.32
N PRO A 241 -4.65 -1.06 5.39
CA PRO A 241 -5.75 -0.14 5.09
C PRO A 241 -6.21 -0.28 3.64
N MET A 242 -7.54 -0.33 3.46
CA MET A 242 -8.12 -0.51 2.14
C MET A 242 -7.79 0.64 1.20
N ALA A 243 -7.59 1.86 1.74
CA ALA A 243 -7.25 3.01 0.90
C ALA A 243 -5.91 2.85 0.23
N HIS A 244 -5.02 2.06 0.81
CA HIS A 244 -3.68 1.95 0.25
C HIS A 244 -3.65 1.08 -0.99
N ASN A 245 -2.74 1.46 -1.90
CA ASN A 245 -2.67 0.82 -3.22
C ASN A 245 -2.49 -0.69 -3.14
N PHE A 246 -1.67 -1.18 -2.22
CA PHE A 246 -1.41 -2.61 -2.06
C PHE A 246 -2.71 -3.37 -1.77
N THR A 247 -3.50 -2.83 -0.83
CA THR A 247 -4.75 -3.43 -0.37
C THR A 247 -5.90 -3.23 -1.34
N LEU A 248 -5.83 -2.15 -2.12
CA LEU A 248 -6.96 -1.78 -2.94
C LEU A 248 -6.88 -2.47 -4.30
N CYS A 249 -5.69 -2.56 -4.88
CA CYS A 249 -5.62 -2.86 -6.31
C CYS A 249 -4.50 -3.80 -6.71
N CYS A 250 -3.76 -4.39 -5.78
CA CYS A 250 -2.57 -5.14 -6.16
C CYS A 250 -2.46 -6.59 -5.62
N PRO A 251 -3.45 -7.41 -5.91
CA PRO A 251 -4.70 -7.09 -6.61
C PRO A 251 -5.73 -6.54 -5.64
N GLY A 252 -5.58 -6.87 -4.35
CA GLY A 252 -6.39 -6.19 -3.36
C GLY A 252 -7.88 -6.47 -3.39
N VAL A 253 -8.60 -5.58 -2.73
CA VAL A 253 -10.06 -5.64 -2.65
C VAL A 253 -10.68 -5.62 -4.05
N ILE A 254 -10.25 -4.67 -4.89
CA ILE A 254 -10.90 -4.54 -6.19
C ILE A 254 -10.56 -5.72 -7.08
N GLY A 255 -9.32 -6.23 -7.01
CA GLY A 255 -8.99 -7.44 -7.76
C GLY A 255 -9.84 -8.63 -7.33
N THR A 256 -10.08 -8.78 -6.03
CA THR A 256 -10.94 -9.85 -5.53
C THR A 256 -12.35 -9.70 -6.10
N LEU A 257 -12.90 -8.50 -6.02
CA LEU A 257 -14.25 -8.27 -6.52
C LEU A 257 -14.34 -8.54 -8.01
N LEU A 258 -13.32 -8.15 -8.77
CA LEU A 258 -13.40 -8.33 -10.21
C LEU A 258 -13.16 -9.77 -10.61
N ALA A 259 -12.55 -10.55 -9.73
CA ALA A 259 -12.39 -11.99 -9.93
C ALA A 259 -13.57 -12.76 -9.39
N SER A 260 -14.54 -12.07 -8.79
CA SER A 260 -15.73 -12.66 -8.22
C SER A 260 -15.41 -13.52 -7.00
N GLY A 261 -14.37 -13.15 -6.25
CA GLY A 261 -14.08 -13.75 -4.97
C GLY A 261 -14.87 -13.08 -3.85
N ARG A 262 -14.32 -13.13 -2.63
CA ARG A 262 -15.00 -12.59 -1.47
C ARG A 262 -14.00 -11.86 -0.60
N VAL A 263 -14.37 -10.66 -0.16
CA VAL A 263 -13.50 -9.82 0.65
C VAL A 263 -13.97 -9.89 2.09
N VAL A 264 -13.03 -10.18 2.99
CA VAL A 264 -13.26 -10.16 4.42
C VAL A 264 -12.62 -8.91 4.99
N VAL A 265 -13.45 -8.03 5.56
CA VAL A 265 -12.94 -6.79 6.12
C VAL A 265 -12.37 -7.03 7.52
N SER A 266 -11.27 -6.37 7.81
CA SER A 266 -10.74 -6.31 9.15
C SER A 266 -10.15 -4.92 9.35
N GLN A 267 -10.33 -4.37 10.55
CA GLN A 267 -9.71 -3.10 10.93
C GLN A 267 -8.46 -3.30 11.78
N ARG A 268 -8.03 -4.55 11.98
CA ARG A 268 -6.88 -4.87 12.81
C ARG A 268 -6.02 -5.90 12.09
N ALA A 269 -4.71 -5.80 12.30
CA ALA A 269 -3.79 -6.76 11.69
C ALA A 269 -3.11 -7.64 12.73
N ASP A 270 -3.49 -7.52 14.01
CA ASP A 270 -2.86 -8.36 15.02
C ASP A 270 -3.27 -9.82 14.80
N PRO A 271 -2.36 -10.78 15.04
CA PRO A 271 -2.66 -12.18 14.76
C PRO A 271 -3.75 -12.77 15.63
N GLU A 272 -3.94 -12.27 16.86
CA GLU A 272 -5.00 -12.79 17.71
C GLU A 272 -6.35 -12.62 17.03
N HIS A 273 -6.58 -11.44 16.45
CA HIS A 273 -7.82 -11.19 15.75
C HIS A 273 -7.83 -11.85 14.38
N CYS A 274 -6.76 -11.65 13.62
CA CYS A 274 -6.77 -12.09 12.22
C CYS A 274 -6.75 -13.60 12.10
N PHE A 275 -6.06 -14.29 13.00
CA PHE A 275 -6.04 -15.75 12.88
C PHE A 275 -7.43 -16.33 13.15
N ALA A 276 -8.16 -15.78 14.11
CA ALA A 276 -9.53 -16.24 14.32
C ALA A 276 -10.40 -15.92 13.11
N LEU A 277 -10.16 -14.78 12.48
CA LEU A 277 -10.93 -14.41 11.31
C LEU A 277 -10.61 -15.33 10.13
N ILE A 278 -9.32 -15.67 9.97
CA ILE A 278 -8.93 -16.60 8.91
C ILE A 278 -9.65 -17.95 9.08
N ALA A 279 -9.71 -18.47 10.32
CA ALA A 279 -10.37 -19.74 10.54
C ALA A 279 -11.88 -19.65 10.34
N ARG A 280 -12.49 -18.54 10.75
CA ARG A 280 -13.94 -18.41 10.66
C ARG A 280 -14.38 -18.29 9.22
N GLU A 281 -13.66 -17.50 8.44
CA GLU A 281 -14.07 -17.19 7.07
C GLU A 281 -13.34 -18.01 6.02
N ARG A 282 -12.37 -18.84 6.42
CA ARG A 282 -11.59 -19.65 5.49
C ARG A 282 -10.88 -18.73 4.48
N VAL A 283 -10.24 -17.69 5.02
CA VAL A 283 -9.43 -16.78 4.22
C VAL A 283 -8.34 -17.53 3.47
N THR A 284 -8.12 -17.15 2.21
CA THR A 284 -7.08 -17.76 1.38
C THR A 284 -5.92 -16.83 1.06
N HIS A 285 -6.17 -15.53 1.00
CA HIS A 285 -5.18 -14.56 0.54
C HIS A 285 -5.16 -13.34 1.44
N THR A 286 -3.97 -12.78 1.68
CA THR A 286 -3.88 -11.46 2.30
C THR A 286 -2.53 -10.85 1.93
N ALA A 287 -2.33 -9.60 2.38
CA ALA A 287 -1.14 -8.81 2.07
C ALA A 287 -0.76 -8.02 3.31
N LEU A 288 0.53 -8.03 3.65
CA LEU A 288 1.05 -7.35 4.82
C LEU A 288 2.36 -6.64 4.51
N VAL A 289 2.73 -5.70 5.39
CA VAL A 289 4.09 -5.15 5.42
C VAL A 289 4.97 -6.00 6.34
N PRO A 290 6.30 -5.96 6.22
CA PRO A 290 7.13 -6.88 7.00
C PRO A 290 6.90 -6.81 8.51
N PRO A 291 6.73 -5.63 9.12
CA PRO A 291 6.54 -5.65 10.59
C PRO A 291 5.31 -6.44 11.02
N LEU A 292 4.25 -6.39 10.23
CA LEU A 292 3.06 -7.19 10.57
C LEU A 292 3.30 -8.67 10.29
N ALA A 293 3.95 -9.01 9.16
CA ALA A 293 4.32 -10.40 8.94
C ALA A 293 5.15 -10.97 10.10
N MET A 294 6.06 -10.16 10.68
CA MET A 294 6.86 -10.64 11.82
C MET A 294 5.97 -10.97 13.00
N LEU A 295 4.94 -10.15 13.22
CA LEU A 295 3.97 -10.47 14.28
C LEU A 295 3.28 -11.79 14.03
N TRP A 296 2.87 -12.04 12.78
CA TRP A 296 2.22 -13.31 12.48
C TRP A 296 3.18 -14.48 12.64
N LEU A 297 4.44 -14.32 12.26
CA LEU A 297 5.39 -15.43 12.37
C LEU A 297 5.72 -15.74 13.82
N ASP A 298 5.68 -14.75 14.69
CA ASP A 298 6.02 -14.89 16.10
C ASP A 298 4.78 -15.02 16.97
N ALA A 299 3.63 -15.30 16.39
CA ALA A 299 2.42 -15.42 17.19
C ALA A 299 2.54 -16.69 18.00
N GLN A 300 2.13 -16.63 19.24
CA GLN A 300 2.42 -17.74 20.13
C GLN A 300 1.19 -18.62 20.21
N GLU A 301 0.39 -18.42 21.27
CA GLU A 301 -0.80 -19.24 21.44
C GLU A 301 -1.80 -19.03 20.31
N SER A 302 -1.76 -17.87 19.65
CA SER A 302 -2.71 -17.61 18.58
C SER A 302 -2.51 -18.59 17.42
N ARG A 303 -1.33 -19.19 17.30
CA ARG A 303 -1.09 -20.09 16.18
C ARG A 303 -1.87 -21.39 16.31
N ARG A 304 -2.53 -21.62 17.45
CA ARG A 304 -3.47 -22.73 17.58
C ARG A 304 -4.63 -22.61 16.61
N ALA A 305 -4.81 -21.46 15.98
CA ALA A 305 -5.88 -21.28 15.02
C ALA A 305 -5.68 -22.19 13.83
N ASP A 306 -6.78 -22.55 13.20
CA ASP A 306 -6.78 -23.31 11.96
C ASP A 306 -6.49 -22.35 10.83
N LEU A 307 -5.24 -22.33 10.36
CA LEU A 307 -4.84 -21.51 9.23
C LEU A 307 -4.78 -22.30 7.92
N SER A 308 -5.37 -23.49 7.90
CA SER A 308 -5.20 -24.38 6.74
C SER A 308 -5.80 -23.80 5.48
N SER A 309 -6.71 -22.85 5.56
CA SER A 309 -7.25 -22.28 4.32
C SER A 309 -6.28 -21.32 3.65
N LEU A 310 -5.27 -20.84 4.35
CA LEU A 310 -4.41 -19.78 3.83
C LEU A 310 -3.53 -20.32 2.71
N ARG A 311 -3.62 -19.67 1.54
CA ARG A 311 -2.89 -20.09 0.34
C ARG A 311 -1.76 -19.15 -0.07
N LEU A 312 -1.94 -17.83 0.07
CA LEU A 312 -0.92 -16.87 -0.35
C LEU A 312 -0.83 -15.71 0.62
N LEU A 313 0.39 -15.40 1.07
CA LEU A 313 0.70 -14.17 1.79
C LEU A 313 1.59 -13.31 0.90
N GLN A 314 1.10 -12.14 0.53
CA GLN A 314 1.92 -11.13 -0.15
C GLN A 314 2.59 -10.28 0.91
N VAL A 315 3.89 -10.02 0.76
CA VAL A 315 4.59 -9.11 1.68
C VAL A 315 5.36 -8.10 0.86
N GLY A 316 5.09 -6.83 1.14
CA GLY A 316 5.81 -5.75 0.50
C GLY A 316 5.66 -4.47 1.32
N GLY A 317 6.00 -3.35 0.70
CA GLY A 317 6.01 -2.05 1.37
C GLY A 317 7.40 -1.70 1.88
N SER A 318 8.06 -2.72 2.38
CA SER A 318 9.45 -2.73 2.78
C SER A 318 9.95 -4.13 2.50
N ARG A 319 11.26 -4.29 2.51
CA ARG A 319 11.82 -5.59 2.14
C ARG A 319 11.64 -6.65 3.24
N LEU A 320 11.14 -7.82 2.85
CA LEU A 320 11.16 -8.96 3.75
C LEU A 320 12.47 -9.71 3.55
N GLY A 321 13.30 -9.74 4.59
CA GLY A 321 14.57 -10.41 4.48
C GLY A 321 14.42 -11.92 4.44
N SER A 322 15.48 -12.60 3.96
CA SER A 322 15.38 -14.03 3.75
C SER A 322 15.16 -14.79 5.05
N SER A 323 15.68 -14.30 6.18
CA SER A 323 15.51 -15.00 7.45
C SER A 323 14.04 -15.13 7.80
N ALA A 324 13.28 -14.05 7.64
CA ALA A 324 11.85 -14.10 7.89
C ALA A 324 11.09 -14.77 6.77
N ALA A 325 11.49 -14.53 5.53
CA ALA A 325 10.78 -15.13 4.38
C ALA A 325 10.78 -16.65 4.45
N GLN A 326 11.90 -17.25 4.89
CA GLN A 326 12.01 -18.70 4.98
C GLN A 326 11.05 -19.31 6.00
N ARG A 327 10.53 -18.52 6.93
CA ARG A 327 9.62 -19.04 7.93
C ARG A 327 8.17 -19.06 7.47
N VAL A 328 7.82 -18.36 6.39
CA VAL A 328 6.40 -18.19 6.05
C VAL A 328 5.75 -19.55 5.76
N GLU A 329 6.31 -20.32 4.83
CA GLU A 329 5.67 -21.59 4.48
C GLU A 329 5.66 -22.55 5.67
N PRO A 330 6.77 -22.76 6.38
CA PRO A 330 6.71 -23.71 7.52
C PRO A 330 5.73 -23.29 8.60
N VAL A 331 5.70 -22.00 8.96
CA VAL A 331 4.91 -21.56 10.11
C VAL A 331 3.44 -21.39 9.73
N LEU A 332 3.17 -20.74 8.60
CA LEU A 332 1.80 -20.42 8.21
C LEU A 332 1.22 -21.40 7.21
N GLY A 333 2.05 -22.17 6.51
CA GLY A 333 1.53 -23.17 5.60
C GLY A 333 1.10 -22.67 4.25
N CYS A 334 1.41 -21.42 3.93
CA CYS A 334 0.98 -20.81 2.69
C CYS A 334 2.21 -20.44 1.87
N GLN A 335 1.96 -20.15 0.59
CA GLN A 335 3.00 -19.60 -0.28
C GLN A 335 3.27 -18.15 0.09
N LEU A 336 4.51 -17.73 -0.14
CA LEU A 336 4.93 -16.33 0.00
C LEU A 336 5.07 -15.71 -1.38
N GLN A 337 4.68 -14.44 -1.48
CA GLN A 337 5.01 -13.63 -2.63
C GLN A 337 5.61 -12.32 -2.13
N GLN A 338 6.79 -11.98 -2.63
CA GLN A 338 7.36 -10.68 -2.32
C GLN A 338 6.97 -9.70 -3.42
N VAL A 339 6.70 -8.47 -3.01
CA VAL A 339 6.15 -7.47 -3.91
C VAL A 339 6.84 -6.14 -3.64
N LEU A 340 7.47 -5.55 -4.66
CA LEU A 340 7.89 -4.16 -4.62
C LEU A 340 6.81 -3.35 -5.35
N GLY A 341 6.23 -2.36 -4.68
CA GLY A 341 5.24 -1.54 -5.33
C GLY A 341 5.33 -0.09 -4.89
N MET A 342 4.64 0.79 -5.60
CA MET A 342 4.57 2.19 -5.24
C MET A 342 3.24 2.72 -5.73
N ALA A 343 2.68 3.67 -4.99
CA ALA A 343 1.38 4.21 -5.38
C ALA A 343 1.45 4.91 -6.71
N GLU A 344 2.63 5.38 -7.10
CA GLU A 344 2.84 6.06 -8.37
C GLU A 344 2.78 5.14 -9.58
N GLY A 345 2.86 3.83 -9.39
CA GLY A 345 2.86 2.91 -10.50
C GLY A 345 3.51 1.56 -10.24
N LEU A 346 4.69 1.38 -10.84
CA LEU A 346 5.41 0.10 -10.90
C LEU A 346 5.15 -0.87 -9.76
N ILE A 347 4.71 -2.08 -10.10
CA ILE A 347 4.66 -3.22 -9.20
C ILE A 347 5.59 -4.29 -9.74
N CYS A 348 6.37 -4.90 -8.86
CA CYS A 348 7.17 -6.08 -9.19
C CYS A 348 6.73 -7.20 -8.27
N TYR A 349 6.58 -8.40 -8.83
CA TYR A 349 6.08 -9.56 -8.11
C TYR A 349 7.01 -10.76 -8.30
N THR A 350 7.28 -11.50 -7.23
CA THR A 350 7.73 -12.88 -7.45
C THR A 350 6.54 -13.73 -7.91
N ARG A 351 6.83 -14.77 -8.68
CA ARG A 351 5.75 -15.50 -9.30
C ARG A 351 5.42 -16.77 -8.49
N LEU A 352 4.20 -17.24 -8.66
CA LEU A 352 3.73 -18.34 -7.81
C LEU A 352 4.47 -19.64 -8.10
N ASP A 353 5.11 -19.76 -9.25
CA ASP A 353 5.93 -20.93 -9.54
C ASP A 353 7.43 -20.62 -9.48
N ASP A 354 7.81 -19.54 -8.83
CA ASP A 354 9.22 -19.22 -8.78
C ASP A 354 9.93 -20.06 -7.73
N PRO A 355 11.19 -20.40 -7.96
CA PRO A 355 11.96 -21.15 -6.97
C PRO A 355 12.28 -20.31 -5.76
N PRO A 356 12.68 -20.96 -4.67
CA PRO A 356 13.07 -20.26 -3.44
C PRO A 356 14.15 -19.20 -3.61
N GLU A 357 15.08 -19.39 -4.55
CA GLU A 357 16.14 -18.40 -4.75
C GLU A 357 15.56 -17.02 -5.07
N ARG A 358 14.44 -16.98 -5.77
CA ARG A 358 13.77 -15.73 -6.10
C ARG A 358 12.83 -15.27 -4.99
N VAL A 359 12.08 -16.21 -4.41
CA VAL A 359 11.03 -15.81 -3.48
C VAL A 359 11.63 -15.33 -2.17
N LEU A 360 12.74 -15.90 -1.76
CA LEU A 360 13.33 -15.54 -0.47
C LEU A 360 14.27 -14.35 -0.54
N HIS A 361 14.78 -14.01 -1.74
CA HIS A 361 15.90 -13.09 -1.89
C HIS A 361 15.67 -11.93 -2.84
N THR A 362 14.49 -11.81 -3.44
CA THR A 362 14.21 -10.73 -4.36
C THR A 362 12.82 -10.20 -4.10
N GLN A 363 12.56 -9.03 -4.67
CA GLN A 363 11.28 -8.37 -4.57
C GLN A 363 10.54 -8.35 -5.91
N GLY A 364 10.84 -9.30 -6.78
CA GLY A 364 9.98 -9.62 -7.91
C GLY A 364 10.49 -9.02 -9.20
N ARG A 365 9.78 -9.35 -10.27
CA ARG A 365 10.03 -8.73 -11.57
C ARG A 365 8.80 -7.95 -12.03
N PRO A 366 8.99 -6.96 -12.91
CA PRO A 366 7.89 -6.03 -13.23
C PRO A 366 6.63 -6.72 -13.69
N LEU A 367 5.49 -6.13 -13.29
CA LEU A 367 4.18 -6.67 -13.61
C LEU A 367 3.92 -6.72 -15.12
N SER A 368 4.21 -5.64 -15.82
CA SER A 368 3.85 -5.52 -17.23
C SER A 368 5.05 -5.72 -18.14
N PRO A 369 4.87 -6.40 -19.27
CA PRO A 369 5.95 -6.45 -20.27
C PRO A 369 6.35 -5.09 -20.79
N ASP A 370 5.49 -4.08 -20.67
CA ASP A 370 5.78 -2.74 -21.12
C ASP A 370 6.29 -1.82 -20.02
N ASP A 371 6.55 -2.34 -18.82
CA ASP A 371 7.27 -1.58 -17.79
C ASP A 371 8.72 -1.43 -18.20
N GLU A 372 9.19 -0.19 -18.24
CA GLU A 372 10.54 0.14 -18.67
C GLU A 372 11.32 0.63 -17.45
N VAL A 373 12.23 -0.20 -16.97
CA VAL A 373 12.97 0.02 -15.74
C VAL A 373 14.39 0.43 -16.12
N ARG A 374 14.89 1.47 -15.47
CA ARG A 374 16.26 1.93 -15.63
C ARG A 374 16.86 2.20 -14.27
N VAL A 375 18.04 1.64 -14.02
CA VAL A 375 18.71 1.80 -12.74
C VAL A 375 19.95 2.64 -13.01
N VAL A 376 20.02 3.83 -12.39
CA VAL A 376 21.02 4.82 -12.78
C VAL A 376 21.83 5.30 -11.60
N ASP A 377 23.05 5.73 -11.88
CA ASP A 377 23.89 6.32 -10.86
C ASP A 377 23.59 7.82 -10.75
N ALA A 378 24.37 8.51 -9.92
CA ALA A 378 24.10 9.92 -9.65
C ALA A 378 24.24 10.77 -10.89
N GLU A 379 25.05 10.33 -11.85
CA GLU A 379 25.26 11.03 -13.10
C GLU A 379 24.24 10.69 -14.19
N GLY A 380 23.22 9.87 -13.88
CA GLY A 380 22.28 9.39 -14.86
C GLY A 380 22.76 8.24 -15.73
N ARG A 381 23.92 7.65 -15.42
CA ARG A 381 24.44 6.53 -16.19
C ARG A 381 23.73 5.26 -15.75
N GLU A 382 23.36 4.44 -16.72
CA GLU A 382 22.77 3.14 -16.38
C GLU A 382 23.86 2.21 -15.82
N VAL A 383 23.64 1.69 -14.60
CA VAL A 383 24.66 0.90 -13.93
C VAL A 383 24.80 -0.48 -14.58
N GLY A 384 25.86 -1.19 -14.22
CA GLY A 384 26.07 -2.52 -14.74
C GLY A 384 25.23 -3.56 -14.01
N PRO A 385 25.20 -4.75 -14.55
CA PRO A 385 24.33 -5.79 -14.00
C PRO A 385 24.72 -6.16 -12.57
N GLY A 386 23.71 -6.22 -11.70
CA GLY A 386 23.95 -6.49 -10.31
C GLY A 386 24.47 -5.33 -9.49
N GLU A 387 24.79 -4.19 -10.10
CA GLU A 387 25.20 -3.01 -9.36
C GLU A 387 23.98 -2.25 -8.86
N VAL A 388 24.16 -1.51 -7.76
CA VAL A 388 23.07 -0.73 -7.19
C VAL A 388 23.02 0.67 -7.77
N GLY A 389 21.80 1.12 -8.04
CA GLY A 389 21.56 2.48 -8.43
C GLY A 389 20.13 2.88 -8.11
N GLU A 390 19.74 4.06 -8.59
CA GLU A 390 18.40 4.54 -8.36
C GLU A 390 17.44 3.92 -9.37
N LEU A 391 16.34 3.38 -8.87
CA LEU A 391 15.30 2.84 -9.74
C LEU A 391 14.52 3.99 -10.38
N THR A 392 14.42 3.98 -11.71
CA THR A 392 13.53 4.89 -12.41
C THR A 392 12.69 4.06 -13.37
N VAL A 393 11.49 4.53 -13.70
CA VAL A 393 10.56 3.66 -14.39
C VAL A 393 9.53 4.50 -15.15
N ARG A 394 9.13 3.99 -16.31
CA ARG A 394 7.90 4.45 -16.92
C ARG A 394 7.16 3.23 -17.44
N GLY A 395 5.84 3.32 -17.51
CA GLY A 395 5.07 2.18 -17.92
C GLY A 395 3.59 2.46 -18.01
N PRO A 396 2.82 1.41 -18.30
CA PRO A 396 1.39 1.59 -18.60
C PRO A 396 0.51 1.81 -17.38
N TYR A 397 1.05 1.82 -16.18
CA TYR A 397 0.24 2.24 -15.03
C TYR A 397 1.08 3.08 -14.08
N THR A 398 2.16 3.70 -14.56
CA THR A 398 3.00 4.62 -13.80
C THR A 398 2.72 6.04 -14.26
N ILE A 399 2.42 6.92 -13.30
CA ILE A 399 2.04 8.30 -13.64
C ILE A 399 3.18 9.04 -14.28
N ARG A 400 2.83 10.10 -15.02
CA ARG A 400 3.78 11.04 -15.60
C ARG A 400 3.88 12.35 -14.81
N GLY A 401 3.07 12.52 -13.78
CA GLY A 401 3.18 13.68 -12.91
C GLY A 401 2.16 13.57 -11.80
N TYR A 402 2.49 14.16 -10.67
CA TYR A 402 1.52 14.31 -9.61
C TYR A 402 0.49 15.37 -9.97
N TYR A 403 -0.63 15.37 -9.25
CA TYR A 403 -1.72 16.28 -9.55
C TYR A 403 -1.37 17.72 -9.19
N ARG A 404 -1.52 18.61 -10.14
CA ARG A 404 -1.35 20.06 -9.93
C ARG A 404 -0.01 20.39 -9.28
N LEU A 405 1.04 19.69 -9.70
CA LEU A 405 2.35 19.81 -9.04
C LEU A 405 3.47 20.04 -10.05
N PRO A 406 3.33 21.02 -10.95
CA PRO A 406 4.32 21.16 -12.03
C PRO A 406 5.72 21.43 -11.52
N GLU A 407 5.87 22.17 -10.41
CA GLU A 407 7.21 22.52 -9.95
C GLU A 407 7.93 21.32 -9.40
N HIS A 408 7.26 20.57 -8.52
CA HIS A 408 7.84 19.33 -8.04
C HIS A 408 8.01 18.31 -9.17
N ASN A 409 7.03 18.25 -10.08
CA ASN A 409 7.10 17.26 -11.18
C ASN A 409 8.32 17.49 -12.05
N ALA A 410 8.77 18.74 -12.17
CA ALA A 410 9.94 19.00 -13.00
C ALA A 410 11.19 18.35 -12.46
N LYS A 411 11.21 18.02 -11.16
CA LYS A 411 12.33 17.37 -10.51
C LYS A 411 12.13 15.87 -10.34
N ALA A 412 10.88 15.41 -10.23
CA ALA A 412 10.57 14.03 -9.89
C ALA A 412 10.51 13.13 -11.12
N PHE A 413 10.47 13.69 -12.32
CA PHE A 413 10.32 12.91 -13.54
C PHE A 413 11.36 13.38 -14.54
N SER A 414 11.98 12.43 -15.21
CA SER A 414 12.99 12.78 -16.20
C SER A 414 12.33 13.40 -17.44
N ALA A 415 13.18 13.95 -18.30
CA ALA A 415 12.70 14.61 -19.51
C ALA A 415 11.99 13.62 -20.43
N ASP A 416 12.37 12.35 -20.39
CA ASP A 416 11.70 11.34 -21.19
C ASP A 416 10.63 10.57 -20.41
N GLY A 417 10.19 11.12 -19.28
CA GLY A 417 9.01 10.61 -18.60
C GLY A 417 9.22 9.52 -17.58
N PHE A 418 10.46 9.23 -17.18
CA PHE A 418 10.67 8.22 -16.15
C PHE A 418 10.48 8.83 -14.76
N TYR A 419 9.72 8.14 -13.92
CA TYR A 419 9.57 8.49 -12.51
C TYR A 419 10.82 8.07 -11.74
N ARG A 420 11.37 9.03 -10.96
CA ARG A 420 12.54 8.78 -10.13
C ARG A 420 12.05 8.38 -8.74
N THR A 421 12.20 7.11 -8.40
CA THR A 421 11.53 6.53 -7.25
C THR A 421 12.19 6.89 -5.95
N GLY A 422 13.46 7.26 -5.98
CA GLY A 422 14.20 7.43 -4.74
C GLY A 422 14.61 6.13 -4.08
N ASP A 423 14.39 4.99 -4.73
CA ASP A 423 14.79 3.71 -4.19
C ASP A 423 16.08 3.24 -4.85
N ARG A 424 16.93 2.61 -4.04
CA ARG A 424 18.14 2.00 -4.54
C ARG A 424 17.92 0.52 -4.71
N VAL A 425 18.23 0.00 -5.90
CA VAL A 425 17.96 -1.39 -6.26
C VAL A 425 19.11 -1.90 -7.14
N SER A 426 19.22 -3.22 -7.20
CA SER A 426 19.96 -3.92 -8.24
C SER A 426 19.04 -4.93 -8.92
N ARG A 427 19.49 -5.49 -10.04
CA ARG A 427 18.71 -6.48 -10.78
C ARG A 427 19.53 -7.74 -11.00
N ASP A 428 18.92 -8.89 -10.78
CA ASP A 428 19.63 -10.16 -10.92
C ASP A 428 19.57 -10.61 -12.38
N LYS A 429 20.19 -11.76 -12.66
CA LYS A 429 20.40 -12.18 -14.04
C LYS A 429 19.10 -12.45 -14.77
N ASP A 430 17.99 -12.61 -14.06
CA ASP A 430 16.70 -12.83 -14.68
C ASP A 430 15.78 -11.62 -14.62
N GLY A 431 16.28 -10.46 -14.17
CA GLY A 431 15.48 -9.27 -14.18
C GLY A 431 14.74 -9.00 -12.89
N TYR A 432 14.98 -9.78 -11.86
CA TYR A 432 14.32 -9.58 -10.58
C TYR A 432 15.02 -8.44 -9.83
N LEU A 433 14.22 -7.61 -9.17
CA LEU A 433 14.75 -6.48 -8.43
C LEU A 433 15.11 -6.90 -7.01
N VAL A 434 16.22 -6.37 -6.52
CA VAL A 434 16.66 -6.57 -5.14
C VAL A 434 16.81 -5.18 -4.53
N VAL A 435 15.97 -4.86 -3.55
CA VAL A 435 15.87 -3.49 -3.06
C VAL A 435 16.84 -3.30 -1.90
N GLU A 436 17.78 -2.39 -2.07
CA GLU A 436 18.68 -2.05 -0.97
C GLU A 436 17.94 -1.22 0.08
N GLY A 437 17.20 -0.23 -0.38
CA GLY A 437 16.45 0.63 0.50
C GLY A 437 16.26 1.98 -0.14
N ARG A 438 15.76 2.91 0.65
CA ARG A 438 15.59 4.28 0.17
C ARG A 438 16.92 5.01 0.04
N ASP A 439 16.97 5.97 -0.87
CA ASP A 439 18.17 6.78 -1.03
C ASP A 439 18.61 7.41 0.29
N LYS A 440 17.67 7.89 1.09
CA LYS A 440 18.00 8.58 2.33
C LYS A 440 18.36 7.63 3.46
N ASP A 441 18.18 6.32 3.28
CA ASP A 441 18.53 5.35 4.31
C ASP A 441 19.91 4.75 4.08
N GLN A 442 20.67 5.29 3.14
CA GLN A 442 22.03 4.81 2.87
C GLN A 442 22.94 5.09 4.05
N ILE A 443 23.98 4.27 4.18
CA ILE A 443 24.96 4.41 5.26
C ILE A 443 26.35 4.43 4.66
N ASN A 444 27.11 5.50 4.96
CA ASN A 444 28.51 5.65 4.55
C ASN A 444 29.35 5.85 5.79
N ARG A 445 30.01 4.79 6.24
CA ARG A 445 30.76 4.80 7.51
C ARG A 445 32.25 4.91 7.22
N GLY A 446 32.77 6.13 7.34
CA GLY A 446 34.18 6.34 7.05
C GLY A 446 34.57 5.97 5.64
N GLY A 447 33.68 6.17 4.68
CA GLY A 447 33.95 5.81 3.30
C GLY A 447 33.56 4.41 2.92
N GLU A 448 33.07 3.61 3.86
CA GLU A 448 32.63 2.24 3.58
C GLU A 448 31.11 2.23 3.55
N LYS A 449 30.55 1.80 2.42
CA LYS A 449 29.10 1.64 2.32
C LYS A 449 28.67 0.39 3.07
N ILE A 450 27.57 0.51 3.81
CA ILE A 450 26.98 -0.61 4.54
C ILE A 450 25.54 -0.82 4.05
N ALA A 451 25.24 -2.05 3.66
CA ALA A 451 23.88 -2.46 3.31
C ALA A 451 23.12 -2.77 4.60
N ALA A 452 22.25 -1.84 5.00
CA ALA A 452 21.48 -2.00 6.22
C ALA A 452 20.73 -3.33 6.21
N GLU A 453 20.14 -3.69 5.07
CA GLU A 453 19.36 -4.92 5.01
C GLU A 453 20.18 -6.15 5.35
N GLU A 454 21.47 -6.19 4.99
CA GLU A 454 22.30 -7.34 5.34
C GLU A 454 22.39 -7.54 6.84
N VAL A 455 22.68 -6.45 7.55
CA VAL A 455 22.82 -6.50 9.01
C VAL A 455 21.49 -6.81 9.67
N GLU A 456 20.42 -6.16 9.22
CA GLU A 456 19.09 -6.41 9.78
C GLU A 456 18.69 -7.89 9.63
N ASN A 457 18.91 -8.46 8.45
CA ASN A 457 18.52 -9.83 8.19
C ASN A 457 19.24 -10.81 9.11
N LEU A 458 20.51 -10.54 9.41
CA LEU A 458 21.23 -11.40 10.35
C LEU A 458 20.67 -11.27 11.75
N LEU A 459 20.40 -10.05 12.18
CA LEU A 459 19.87 -9.87 13.52
C LEU A 459 18.52 -10.56 13.65
N ILE A 460 17.69 -10.49 12.60
CA ILE A 460 16.35 -11.06 12.67
C ILE A 460 16.38 -12.57 12.73
N ALA A 461 17.50 -13.17 12.32
CA ALA A 461 17.64 -14.61 12.43
C ALA A 461 17.93 -15.06 13.86
N HIS A 462 18.28 -14.14 14.74
CA HIS A 462 18.60 -14.51 16.13
C HIS A 462 17.32 -14.94 16.83
N PRO A 463 17.35 -16.07 17.57
CA PRO A 463 16.13 -16.57 18.23
C PRO A 463 15.49 -15.61 19.22
N GLN A 464 16.22 -14.70 19.85
CA GLN A 464 15.61 -13.74 20.76
C GLN A 464 15.54 -12.34 20.16
N VAL A 465 15.51 -12.22 18.84
CA VAL A 465 15.25 -10.95 18.18
C VAL A 465 13.92 -11.07 17.44
N HIS A 466 13.03 -10.10 17.68
CA HIS A 466 11.78 -10.05 16.96
C HIS A 466 11.96 -9.30 15.64
N ASP A 467 12.53 -8.11 15.69
CA ASP A 467 12.78 -7.32 14.50
C ASP A 467 13.96 -6.40 14.77
N ALA A 468 14.54 -5.87 13.70
CA ALA A 468 15.72 -5.04 13.81
C ALA A 468 15.76 -4.08 12.63
N THR A 469 16.30 -2.90 12.88
CA THR A 469 16.43 -1.85 11.87
C THR A 469 17.71 -1.07 12.16
N VAL A 470 18.49 -0.80 11.11
CA VAL A 470 19.78 -0.15 11.25
C VAL A 470 19.74 1.21 10.53
N VAL A 471 20.16 2.28 11.23
CA VAL A 471 20.15 3.61 10.65
C VAL A 471 21.50 4.27 10.91
N ALA A 472 21.74 5.36 10.17
CA ALA A 472 22.92 6.18 10.32
C ALA A 472 22.76 7.19 11.45
N MET A 473 23.88 7.53 12.08
CA MET A 473 23.91 8.67 12.99
C MET A 473 25.17 9.48 12.74
N PRO A 474 25.14 10.79 12.96
CA PRO A 474 26.31 11.61 12.62
C PRO A 474 27.49 11.26 13.49
N ASP A 475 28.67 11.40 12.89
CA ASP A 475 29.92 11.18 13.62
C ASP A 475 30.99 12.10 13.08
N SER A 476 31.67 12.80 13.99
CA SER A 476 32.66 13.80 13.57
C SER A 476 33.81 13.18 12.79
N LEU A 477 34.27 12.00 13.21
CA LEU A 477 35.45 11.40 12.61
C LEU A 477 35.13 10.52 11.41
N LEU A 478 34.02 9.77 11.46
CA LEU A 478 33.68 8.87 10.36
C LEU A 478 32.55 9.40 9.50
N GLY A 479 31.99 10.56 9.84
CA GLY A 479 30.88 11.12 9.09
C GLY A 479 29.57 10.53 9.56
N GLU A 480 29.46 9.20 9.45
CA GLU A 480 28.33 8.44 9.98
C GLU A 480 28.84 7.22 10.74
N ARG A 481 28.19 6.92 11.85
CA ARG A 481 28.26 5.59 12.44
C ARG A 481 26.88 4.95 12.31
N THR A 482 26.77 3.73 12.77
CA THR A 482 25.53 2.99 12.59
C THR A 482 24.91 2.70 13.96
N CYS A 483 23.57 2.70 14.01
CA CYS A 483 22.84 2.33 15.21
C CYS A 483 21.74 1.36 14.81
N ALA A 484 21.74 0.17 15.42
CA ALA A 484 20.69 -0.82 15.22
C ALA A 484 19.69 -0.70 16.35
N PHE A 485 18.43 -0.55 16.01
CA PHE A 485 17.36 -0.65 16.99
C PHE A 485 16.78 -2.04 16.88
N VAL A 486 16.60 -2.69 18.02
CA VAL A 486 16.25 -4.11 18.03
C VAL A 486 15.10 -4.31 19.02
N ILE A 487 14.04 -4.94 18.56
CA ILE A 487 12.93 -5.36 19.42
C ILE A 487 13.22 -6.79 19.85
N PRO A 488 13.43 -7.05 21.14
CA PRO A 488 13.79 -8.41 21.56
C PRO A 488 12.57 -9.29 21.70
N ARG A 489 12.84 -10.58 21.76
CA ARG A 489 11.94 -11.56 22.37
C ARG A 489 12.57 -11.98 23.69
N GLN A 490 11.75 -12.26 24.69
CA GLN A 490 12.35 -12.60 25.98
C GLN A 490 12.85 -14.04 25.93
N PRO A 491 13.97 -14.34 26.60
CA PRO A 491 14.82 -13.42 27.34
C PRO A 491 15.71 -12.56 26.43
N ALA A 492 15.66 -11.25 26.61
CA ALA A 492 16.25 -10.36 25.63
C ALA A 492 17.78 -10.44 25.71
N PRO A 493 18.46 -10.43 24.56
CA PRO A 493 19.92 -10.40 24.55
C PRO A 493 20.44 -8.97 24.71
N SER A 494 21.65 -8.88 25.21
CA SER A 494 22.29 -7.57 25.36
C SER A 494 22.91 -7.11 24.05
N ALA A 495 23.18 -5.80 23.96
CA ALA A 495 23.91 -5.26 22.81
C ALA A 495 25.19 -6.04 22.57
N LEU A 496 25.96 -6.34 23.63
CA LEU A 496 27.22 -7.05 23.47
C LEU A 496 27.00 -8.46 22.95
N LYS A 497 25.96 -9.14 23.42
CA LYS A 497 25.67 -10.49 22.93
C LYS A 497 25.31 -10.46 21.45
N LEU A 498 24.55 -9.46 21.02
CA LEU A 498 24.23 -9.36 19.59
C LEU A 498 25.46 -9.05 18.75
N LYS A 499 26.38 -8.21 19.25
CA LYS A 499 27.62 -7.98 18.53
C LYS A 499 28.45 -9.27 18.41
N GLN A 500 28.53 -10.04 19.48
CA GLN A 500 29.21 -11.33 19.42
C GLN A 500 28.53 -12.27 18.43
N TYR A 501 27.20 -12.27 18.41
CA TYR A 501 26.45 -13.09 17.45
C TYR A 501 26.79 -12.68 16.01
N LEU A 502 26.81 -11.39 15.72
CA LEU A 502 27.10 -10.95 14.35
C LEU A 502 28.52 -11.37 13.95
N HIS A 503 29.46 -11.35 14.90
CA HIS A 503 30.80 -11.88 14.63
C HIS A 503 30.73 -13.37 14.27
N ALA A 504 30.04 -14.16 15.09
CA ALA A 504 29.88 -15.58 14.82
C ALA A 504 29.24 -15.83 13.46
N CYS A 505 28.39 -14.91 13.00
CA CYS A 505 27.77 -15.01 11.68
C CYS A 505 28.73 -14.72 10.53
N GLY A 506 29.91 -14.20 10.80
CA GLY A 506 30.87 -13.90 9.74
C GLY A 506 30.76 -12.49 9.20
N LEU A 507 30.01 -11.61 9.85
CA LEU A 507 29.82 -10.27 9.33
C LEU A 507 31.14 -9.51 9.36
N ALA A 508 31.40 -8.76 8.31
CA ALA A 508 32.56 -7.89 8.28
C ALA A 508 32.57 -6.93 9.48
N ALA A 509 33.75 -6.73 10.04
CA ALA A 509 33.85 -5.93 11.26
C ALA A 509 33.24 -4.54 11.10
N PHE A 510 33.52 -3.85 9.99
CA PHE A 510 33.02 -2.49 9.83
C PHE A 510 31.50 -2.43 9.72
N LYS A 511 30.83 -3.55 9.46
CA LYS A 511 29.38 -3.59 9.37
C LYS A 511 28.70 -3.87 10.70
N VAL A 512 29.44 -4.23 11.73
CA VAL A 512 28.80 -4.43 13.04
C VAL A 512 28.34 -3.08 13.57
N PRO A 513 27.08 -2.94 13.97
CA PRO A 513 26.61 -1.63 14.44
C PRO A 513 27.48 -1.07 15.56
N ASP A 514 27.76 0.23 15.47
CA ASP A 514 28.51 0.87 16.55
C ASP A 514 27.72 0.86 17.84
N ARG A 515 26.40 0.98 17.73
CA ARG A 515 25.49 1.13 18.84
C ARG A 515 24.30 0.22 18.57
N ILE A 516 23.86 -0.49 19.59
CA ILE A 516 22.68 -1.34 19.49
C ILE A 516 21.74 -0.94 20.63
N GLU A 517 20.52 -0.51 20.27
CA GLU A 517 19.51 -0.09 21.24
C GLU A 517 18.40 -1.12 21.29
N LEU A 518 18.15 -1.68 22.47
CA LEU A 518 17.04 -2.58 22.69
C LEU A 518 15.80 -1.76 23.05
N VAL A 519 14.74 -1.90 22.27
CA VAL A 519 13.52 -1.10 22.42
C VAL A 519 12.29 -1.98 22.26
N PRO A 520 11.15 -1.53 22.80
CA PRO A 520 9.94 -2.36 22.67
C PRO A 520 9.26 -2.26 21.32
N ALA A 521 9.54 -1.22 20.55
CA ALA A 521 8.80 -0.95 19.32
C ALA A 521 9.55 0.10 18.53
N PHE A 522 9.18 0.20 17.26
CA PHE A 522 9.73 1.17 16.35
C PHE A 522 8.66 2.17 15.97
N PRO A 523 9.03 3.41 15.69
CA PRO A 523 8.07 4.36 15.13
C PRO A 523 7.67 3.90 13.73
N GLN A 524 6.40 4.08 13.41
CA GLN A 524 5.84 3.51 12.18
C GLN A 524 5.14 4.57 11.35
N THR A 525 5.06 4.27 10.04
CA THR A 525 4.36 5.06 9.04
C THR A 525 2.89 4.70 9.02
N GLY A 526 2.16 5.33 8.09
CA GLY A 526 0.71 5.21 8.04
C GLY A 526 0.19 3.80 7.86
N ILE A 527 0.87 2.96 7.07
CA ILE A 527 0.41 1.56 6.96
C ILE A 527 1.30 0.59 7.75
N GLY A 528 2.16 1.09 8.63
CA GLY A 528 2.91 0.22 9.51
C GLY A 528 4.35 -0.06 9.14
N LYS A 529 4.90 0.64 8.15
CA LYS A 529 6.33 0.53 7.85
C LYS A 529 7.15 1.21 8.93
N ILE A 530 8.39 0.77 9.09
CA ILE A 530 9.30 1.38 10.07
C ILE A 530 9.74 2.74 9.55
N SER A 531 9.67 3.76 10.42
CA SER A 531 10.08 5.11 10.06
C SER A 531 11.55 5.32 10.43
N LYS A 532 12.44 5.02 9.48
CA LYS A 532 13.86 5.28 9.71
C LYS A 532 14.14 6.77 9.86
N LYS A 533 13.35 7.62 9.18
CA LYS A 533 13.53 9.06 9.34
C LYS A 533 13.34 9.48 10.80
N ASP A 534 12.32 8.93 11.46
CA ASP A 534 12.07 9.26 12.85
C ASP A 534 13.19 8.77 13.75
N LEU A 535 13.71 7.58 13.50
CA LEU A 535 14.85 7.08 14.27
C LEU A 535 16.09 7.95 14.08
N ARG A 536 16.36 8.40 12.86
CA ARG A 536 17.52 9.27 12.67
C ARG A 536 17.35 10.61 13.39
N GLU A 537 16.13 11.16 13.39
CA GLU A 537 15.91 12.41 14.12
C GLU A 537 16.09 12.21 15.60
N ARG A 538 15.65 11.06 16.12
CA ARG A 538 15.82 10.76 17.54
C ARG A 538 17.30 10.73 17.90
N LEU A 539 18.13 10.18 17.02
CA LEU A 539 19.56 10.14 17.28
C LEU A 539 20.19 11.51 17.14
N ARG A 540 19.81 12.24 16.09
CA ARG A 540 20.43 13.53 15.81
C ARG A 540 20.32 14.46 17.02
N ARG A 541 19.12 14.57 17.59
CA ARG A 541 18.96 15.47 18.72
C ARG A 541 19.77 15.01 19.92
N GLU A 542 19.95 13.71 20.07
CA GLU A 542 20.70 13.14 21.18
C GLU A 542 22.21 13.24 20.94
C10 KUX B . 3.79 0.56 -1.35
C15 KUX B . 7.72 2.77 -1.52
C20 KUX B . 8.96 1.03 -0.77
C22 KUX B . 9.62 -1.36 -0.86
C24 KUX B . 11.54 -2.51 -0.35
C26 KUX B . 9.71 -3.74 -1.00
C28 KUX B . 8.98 -2.53 -1.12
C02 KUX B . 2.34 -0.40 -3.17
C03 KUX B . 1.86 -1.47 -3.87
C04 KUX B . 2.30 -2.73 -3.52
C05 KUX B . 1.81 -3.94 -4.29
C07 KUX B . 3.19 -2.94 -2.50
C08 KUX B . 3.68 -1.88 -1.78
C09 KUX B . 3.25 -0.62 -2.13
C14 KUX B . 6.39 2.88 -2.04
C16 KUX B . 8.77 2.35 -2.58
C18 KUX B . 9.75 1.86 -1.93
C30 KUX B . 7.54 -0.89 -1.43
N06 KUX B . 1.47 -4.84 -4.81
N11 KUX B . 3.40 1.81 -1.93
N21 KUX B . 8.72 -0.36 -1.06
N23 KUX B . 10.91 -1.33 -0.46
N25 KUX B . 10.95 -3.68 -0.61
N27 KUX B . 9.08 -5.02 -1.27
N29 KUX B . 7.70 -2.23 -1.50
O01 KUX B . 1.88 0.87 -3.55
O13 KUX B . 5.53 3.15 -0.95
O17 KUX B . 9.15 3.58 -3.32
O19 KUX B . 10.57 2.81 -1.16
O31 KUX B . 7.82 1.62 -0.55
O32 KUX B . 3.29 3.38 0.11
O33 KUX B . 3.56 4.35 -2.14
O34 KUX B . 4.48 0.46 -0.39
S12 KUX B . 3.91 3.23 -1.23
H151 KUX B . 7.99 3.60 -1.08
H201 KUX B . 9.50 1.10 0.03
H241 KUX B . 12.43 -2.51 -0.07
H031 KUX B . 1.26 -1.36 -4.58
H071 KUX B . 3.48 -3.80 -2.30
H081 KUX B . 4.29 -2.00 -1.08
H142 KUX B . 6.14 2.04 -2.45
H141 KUX B . 6.36 3.60 -2.69
H161 KUX B . 8.40 1.68 -3.19
H181 KUX B . 10.28 1.27 -2.49
H301 KUX B . 6.76 -0.42 -1.62
H111 KUX B . 2.91 1.83 -2.64
H272 KUX B . 8.69 -5.44 -0.62
H271 KUX B . 9.09 -5.35 -2.06
H011 KUX B . 2.08 1.01 -4.35
H171 KUX B . 9.28 3.39 -4.15
H191 KUX B . 10.50 3.59 -1.49
#